data_6UFH
#
_entry.id   6UFH
#
_cell.length_a   76.276
_cell.length_b   61.430
_cell.length_c   122.520
_cell.angle_alpha   90.000
_cell.angle_beta   93.970
_cell.angle_gamma   90.000
#
_symmetry.space_group_name_H-M   'P 1 21 1'
#
loop_
_entity.id
_entity.type
_entity.pdbx_description
1 polymer 'RNA (77-MER)'
2 polymer 'RNA (167-MER)'
3 non-polymer 'MAGNESIUM ION'
#
loop_
_entity_poly.entity_id
_entity_poly.type
_entity_poly.pdbx_seq_one_letter_code
_entity_poly.pdbx_strand_id
1 'polyribonucleotide'
;GGGCCUAUAGCUCAGGCGGUUAGAGCGCUUCGCUGAUAACGAAGAGGUCGGAGGUUCAAGUCCUCCUAGGCCCGCC
(A23)
;
B
2 'polyribonucleotide'
;(GTP)GCAUCGAUCCGGCGAUCACCGGGGAGCCUUCGGAAGAACGGCCGGAAACGGCCCAGUAGAACCGAACGGGUUGGC
CCGUCACAGCCUCAAGUCGAGCGGCCGCGCGAAAGCGUGGCAAGCGGGGUGGCACCGCGGCGUUCGCGCGAAAGCGUGGC
GUCGUCCCCG(CCC)
;
A
#